data_5A8E
#
_entry.id   5A8E
#
_cell.length_a   53.019
_cell.length_b   61.777
_cell.length_c   95.561
_cell.angle_alpha   90.00
_cell.angle_beta   90.00
_cell.angle_gamma   90.00
#
_symmetry.space_group_name_H-M   'P 21 2 21'
#
loop_
_entity.id
_entity.type
_entity.pdbx_description
1 polymer 'BETA1 ADRENERGIC RECEPTOR'
2 non-polymer 'SODIUM ION'
3 non-polymer 4-[(2S)-3-(tert-butylamino)-2-hydroxypropoxy]-7-methyl-1H-indole-2-carbonitrile
4 non-polymer '(CARBAMOYLMETHYL-CARBOXYMETHYL-AMINO)-ACETIC ACID'
5 non-polymer '(2R)-2,3-dihydroxypropyl (9Z)-octadec-9-enoate'
6 water water
#
_entity_poly.entity_id   1
_entity_poly.type   'polypeptide(L)'
_entity_poly.pdbx_seq_one_letter_code
;MGAELLSQQWEAGMSLLMALVVLLIVAGNVLVIAAIGSTQRLQTLTNLFITSLACADLVVGLLVVPFGATLVVRGTWLWG
SFLCELWTSLDVLCVTASVWTLCVIAIDRYLAITSPFRYQSLMTRARAKVIICTVWAISALVSFLPIMMHWWRDEDPQAL
KCYQDPGCCDFVTNRAYAIASSIISFYIPLLIMIFVALRVYREAKEQIRKIDRASKRKTSRVMLMREHKALKTLGIIMGV
FTLCWLPFFLVNIVNVFNRDLVPDWLFVAFNWLGYANSAMNPIILCRSPDFRKAFKRLLAFPRKADRRLHHHHHH
;
_entity_poly.pdbx_strand_id   A
#
# COMPACT_ATOMS: atom_id res chain seq x y z
N LEU A 6 7.75 7.59 34.33
CA LEU A 6 8.19 8.19 33.02
C LEU A 6 7.95 7.28 31.83
N SER A 7 8.17 5.98 32.01
CA SER A 7 7.78 4.96 31.03
C SER A 7 6.25 4.88 30.87
N GLN A 8 5.52 5.19 31.94
CA GLN A 8 4.06 5.29 31.92
C GLN A 8 3.57 6.51 31.12
N GLN A 9 4.28 7.62 31.22
CA GLN A 9 4.01 8.83 30.41
C GLN A 9 4.19 8.56 28.91
N TRP A 10 5.23 7.80 28.57
CA TRP A 10 5.49 7.39 27.19
C TRP A 10 4.47 6.35 26.69
N GLU A 11 4.14 5.37 27.55
CA GLU A 11 3.08 4.39 27.26
C GLU A 11 1.73 5.05 27.03
N ALA A 12 1.34 5.94 27.94
CA ALA A 12 0.08 6.68 27.84
C ALA A 12 0.08 7.67 26.67
N GLY A 13 1.22 8.31 26.44
CA GLY A 13 1.41 9.25 25.34
C GLY A 13 1.33 8.59 23.97
N MET A 14 2.06 7.48 23.82
CA MET A 14 2.06 6.73 22.56
C MET A 14 0.71 6.03 22.32
N SER A 15 0.13 5.44 23.35
CA SER A 15 -1.22 4.85 23.27
C SER A 15 -2.25 5.77 22.60
N LEU A 16 -2.28 7.03 23.03
CA LEU A 16 -3.23 8.02 22.50
C LEU A 16 -2.90 8.41 21.06
N LEU A 17 -1.62 8.65 20.78
CA LEU A 17 -1.13 8.93 19.41
C LEU A 17 -1.47 7.79 18.43
N MET A 18 -1.39 6.54 18.89
CA MET A 18 -1.72 5.39 18.06
C MET A 18 -3.24 5.29 17.81
N ALA A 19 -4.04 5.59 18.82
CA ALA A 19 -5.49 5.65 18.67
C ALA A 19 -5.92 6.66 17.60
N LEU A 20 -5.28 7.83 17.60
CA LEU A 20 -5.53 8.87 16.58
C LEU A 20 -5.09 8.45 15.17
N VAL A 21 -3.94 7.79 15.06
CA VAL A 21 -3.49 7.21 13.79
C VAL A 21 -4.51 6.17 13.27
N VAL A 22 -4.93 5.26 14.15
CA VAL A 22 -5.95 4.25 13.81
C VAL A 22 -7.24 4.93 13.32
N LEU A 23 -7.71 5.91 14.09
CA LEU A 23 -8.94 6.64 13.74
C LEU A 23 -8.83 7.35 12.39
N LEU A 24 -7.69 8.00 12.15
CA LEU A 24 -7.46 8.69 10.88
C LEU A 24 -7.42 7.73 9.69
N ILE A 25 -6.68 6.63 9.84
CA ILE A 25 -6.56 5.63 8.77
C ILE A 25 -7.92 4.98 8.52
N VAL A 26 -8.59 4.55 9.59
CA VAL A 26 -9.85 3.82 9.45
C VAL A 26 -10.98 4.75 8.95
N ALA A 27 -11.17 5.89 9.61
CA ALA A 27 -12.24 6.81 9.21
C ALA A 27 -11.99 7.40 7.83
N GLY A 28 -10.74 7.80 7.58
CA GLY A 28 -10.35 8.32 6.29
C GLY A 28 -10.70 7.36 5.16
N ASN A 29 -10.29 6.11 5.31
CA ASN A 29 -10.52 5.11 4.26
C ASN A 29 -11.96 4.58 4.13
N VAL A 30 -12.75 4.64 5.21
CA VAL A 30 -14.19 4.38 5.09
C VAL A 30 -14.89 5.51 4.30
N LEU A 31 -14.51 6.76 4.55
CA LEU A 31 -15.11 7.91 3.85
C LEU A 31 -14.88 7.83 2.35
N VAL A 32 -13.63 7.56 1.96
CA VAL A 32 -13.26 7.36 0.55
C VAL A 32 -14.16 6.32 -0.09
N ILE A 33 -14.29 5.17 0.56
CA ILE A 33 -15.15 4.08 0.08
C ILE A 33 -16.64 4.50 0.08
N ALA A 34 -17.06 5.23 1.11
CA ALA A 34 -18.43 5.78 1.21
C ALA A 34 -18.72 6.87 0.18
N ALA A 35 -17.72 7.68 -0.14
CA ALA A 35 -17.83 8.68 -1.19
C ALA A 35 -18.04 8.02 -2.54
N ILE A 36 -17.28 6.96 -2.81
CA ILE A 36 -17.34 6.25 -4.08
C ILE A 36 -18.68 5.51 -4.25
N GLY A 37 -19.13 4.84 -3.19
CA GLY A 37 -20.37 4.07 -3.23
C GLY A 37 -21.67 4.86 -3.15
N SER A 38 -21.62 6.13 -2.74
CA SER A 38 -22.82 6.95 -2.58
C SER A 38 -22.97 8.08 -3.61
N THR A 39 -22.18 8.03 -4.69
CA THR A 39 -22.10 9.14 -5.65
C THR A 39 -21.98 8.61 -7.08
N GLN A 40 -22.87 9.07 -7.96
CA GLN A 40 -22.87 8.71 -9.39
C GLN A 40 -21.59 9.13 -10.10
N ARG A 41 -21.18 10.38 -9.90
CA ARG A 41 -19.95 10.95 -10.47
C ARG A 41 -18.69 10.13 -10.22
N LEU A 42 -18.60 9.53 -9.01
CA LEU A 42 -17.43 8.74 -8.61
C LEU A 42 -17.51 7.23 -8.96
N GLN A 43 -18.49 6.82 -9.77
CA GLN A 43 -18.63 5.43 -10.21
C GLN A 43 -17.82 5.12 -11.47
N THR A 44 -16.53 5.43 -11.43
CA THR A 44 -15.62 5.16 -12.55
C THR A 44 -14.85 3.87 -12.29
N LEU A 45 -14.26 3.31 -13.35
CA LEU A 45 -13.46 2.09 -13.25
C LEU A 45 -12.22 2.29 -12.37
N THR A 46 -11.55 3.42 -12.55
CA THR A 46 -10.41 3.80 -11.75
C THR A 46 -10.72 3.80 -10.25
N ASN A 47 -11.88 4.35 -9.87
CA ASN A 47 -12.27 4.40 -8.46
C ASN A 47 -12.60 3.05 -7.84
N LEU A 48 -12.94 2.06 -8.67
CA LEU A 48 -12.96 0.66 -8.23
C LEU A 48 -11.56 0.17 -7.88
N PHE A 49 -10.56 0.56 -8.68
CA PHE A 49 -9.16 0.29 -8.31
C PHE A 49 -8.72 1.07 -7.07
N ILE A 50 -9.19 2.32 -6.93
CA ILE A 50 -8.97 3.11 -5.69
C ILE A 50 -9.54 2.39 -4.47
N THR A 51 -10.71 1.76 -4.63
CA THR A 51 -11.34 0.99 -3.54
C THR A 51 -10.45 -0.15 -3.01
N SER A 52 -9.69 -0.78 -3.90
CA SER A 52 -8.73 -1.84 -3.51
C SER A 52 -7.61 -1.28 -2.61
N LEU A 53 -7.06 -0.12 -2.98
CA LEU A 53 -6.07 0.57 -2.15
C LEU A 53 -6.67 0.93 -0.80
N ALA A 54 -7.85 1.52 -0.84
CA ALA A 54 -8.60 1.85 0.37
C ALA A 54 -8.85 0.64 1.27
N CYS A 55 -9.14 -0.52 0.68
CA CYS A 55 -9.29 -1.77 1.44
C CYS A 55 -7.99 -2.20 2.11
N ALA A 56 -6.88 -2.09 1.37
CA ALA A 56 -5.56 -2.40 1.91
C ALA A 56 -5.19 -1.45 3.04
N ASP A 57 -5.46 -0.16 2.86
CA ASP A 57 -5.22 0.82 3.93
C ASP A 57 -6.10 0.57 5.17
N LEU A 58 -7.32 0.10 4.93
CA LEU A 58 -8.26 -0.25 6.00
C LEU A 58 -7.80 -1.45 6.82
N VAL A 59 -7.29 -2.49 6.15
CA VAL A 59 -6.72 -3.65 6.85
C VAL A 59 -5.51 -3.25 7.70
N VAL A 60 -4.69 -2.34 7.17
CA VAL A 60 -3.56 -1.77 7.92
C VAL A 60 -4.04 -1.08 9.21
N GLY A 61 -5.07 -0.23 9.08
CA GLY A 61 -5.61 0.50 10.22
C GLY A 61 -6.25 -0.35 11.30
N LEU A 62 -6.95 -1.41 10.91
CA LEU A 62 -7.68 -2.29 11.85
C LEU A 62 -6.83 -3.41 12.44
N LEU A 63 -6.02 -4.06 11.60
CA LEU A 63 -5.30 -5.27 12.02
C LEU A 63 -3.80 -5.03 12.23
N VAL A 64 -3.14 -4.39 11.27
CA VAL A 64 -1.68 -4.23 11.33
C VAL A 64 -1.26 -3.20 12.37
N VAL A 65 -1.76 -1.97 12.29
CA VAL A 65 -1.30 -0.91 13.20
C VAL A 65 -1.61 -1.17 14.68
N PRO A 66 -2.81 -1.68 15.03
CA PRO A 66 -3.08 -1.95 16.45
C PRO A 66 -2.17 -2.99 17.10
N PHE A 67 -1.92 -4.10 16.41
CA PHE A 67 -0.91 -5.09 16.85
C PHE A 67 0.49 -4.47 16.93
N GLY A 68 0.84 -3.64 15.94
CA GLY A 68 2.13 -2.96 15.90
C GLY A 68 2.33 -1.96 17.02
N ALA A 69 1.29 -1.18 17.32
CA ALA A 69 1.32 -0.19 18.41
C ALA A 69 1.68 -0.83 19.75
N THR A 70 1.04 -1.96 20.06
CA THR A 70 1.31 -2.70 21.29
C THR A 70 2.76 -3.23 21.35
N LEU A 71 3.34 -3.57 20.21
CA LEU A 71 4.74 -3.99 20.13
C LEU A 71 5.71 -2.83 20.39
N VAL A 72 5.39 -1.67 19.82
CA VAL A 72 6.18 -0.46 20.03
C VAL A 72 6.11 0.01 21.49
N VAL A 73 4.90 0.12 22.05
CA VAL A 73 4.74 0.67 23.40
C VAL A 73 5.23 -0.27 24.51
N ARG A 74 4.91 -1.56 24.43
CA ARG A 74 5.36 -2.54 25.45
C ARG A 74 6.79 -3.04 25.22
N GLY A 75 7.26 -2.99 23.98
CA GLY A 75 8.60 -3.49 23.62
C GLY A 75 8.71 -5.01 23.52
N THR A 76 7.58 -5.71 23.51
CA THR A 76 7.53 -7.18 23.34
C THR A 76 6.23 -7.56 22.67
N TRP A 77 6.16 -8.78 22.14
CA TRP A 77 4.97 -9.30 21.48
C TRP A 77 4.09 -10.06 22.47
N LEU A 78 2.85 -9.60 22.66
CA LEU A 78 1.94 -10.16 23.64
C LEU A 78 1.01 -11.25 23.09
N TRP A 79 0.90 -11.37 21.77
CA TRP A 79 -0.21 -12.10 21.15
C TRP A 79 0.10 -13.54 20.72
N GLY A 80 1.25 -14.06 21.14
CA GLY A 80 1.61 -15.44 20.84
C GLY A 80 2.13 -15.62 19.42
N SER A 81 2.64 -16.83 19.16
CA SER A 81 3.39 -17.11 17.94
C SER A 81 2.53 -17.19 16.70
N PHE A 82 1.29 -17.69 16.81
CA PHE A 82 0.40 -17.75 15.65
C PHE A 82 0.01 -16.37 15.13
N LEU A 83 -0.42 -15.49 16.02
CA LEU A 83 -0.84 -14.15 15.65
C LEU A 83 0.33 -13.28 15.18
N CYS A 84 1.54 -13.56 15.66
CA CYS A 84 2.75 -12.96 15.10
C CYS A 84 2.86 -13.28 13.62
N GLU A 85 2.65 -14.55 13.28
CA GLU A 85 2.75 -15.01 11.89
C GLU A 85 1.62 -14.49 11.00
N LEU A 86 0.40 -14.46 11.53
CA LEU A 86 -0.74 -13.91 10.80
C LEU A 86 -0.61 -12.41 10.61
N TRP A 87 -0.17 -11.72 11.66
CA TRP A 87 0.08 -10.27 11.61
C TRP A 87 1.09 -9.95 10.52
N THR A 88 2.21 -10.67 10.53
CA THR A 88 3.24 -10.48 9.51
C THR A 88 2.72 -10.74 8.10
N SER A 89 1.93 -11.81 7.91
CA SER A 89 1.36 -12.14 6.59
C SER A 89 0.40 -11.09 6.04
N LEU A 90 -0.41 -10.50 6.93
CA LEU A 90 -1.36 -9.45 6.53
C LEU A 90 -0.65 -8.14 6.21
N ASP A 91 0.39 -7.85 6.99
CA ASP A 91 1.25 -6.69 6.76
C ASP A 91 1.86 -6.78 5.36
N VAL A 92 2.48 -7.92 5.07
CA VAL A 92 3.10 -8.20 3.76
C VAL A 92 2.08 -8.16 2.61
N LEU A 93 0.90 -8.74 2.85
CA LEU A 93 -0.21 -8.76 1.88
C LEU A 93 -0.67 -7.37 1.46
N CYS A 94 -0.93 -6.52 2.44
CA CYS A 94 -1.39 -5.14 2.20
C CYS A 94 -0.41 -4.32 1.37
N VAL A 95 0.87 -4.45 1.65
CA VAL A 95 1.89 -3.76 0.86
C VAL A 95 1.90 -4.28 -0.58
N THR A 96 1.81 -5.61 -0.73
CA THR A 96 1.88 -6.27 -2.02
C THR A 96 0.65 -5.94 -2.86
N ALA A 97 -0.54 -6.08 -2.28
CA ALA A 97 -1.78 -5.78 -2.99
C ALA A 97 -1.86 -4.30 -3.41
N SER A 98 -1.36 -3.40 -2.55
CA SER A 98 -1.32 -1.97 -2.84
C SER A 98 -0.46 -1.62 -4.05
N VAL A 99 0.81 -2.04 -4.01
CA VAL A 99 1.74 -1.70 -5.08
C VAL A 99 1.38 -2.35 -6.42
N TRP A 100 0.84 -3.57 -6.38
CA TRP A 100 0.36 -4.22 -7.61
C TRP A 100 -0.91 -3.56 -8.17
N THR A 101 -1.78 -3.06 -7.30
CA THR A 101 -2.96 -2.29 -7.70
C THR A 101 -2.58 -0.94 -8.31
N LEU A 102 -1.56 -0.27 -7.77
CA LEU A 102 -1.04 0.95 -8.40
C LEU A 102 -0.44 0.64 -9.78
N CYS A 103 0.23 -0.50 -9.89
CA CYS A 103 0.72 -0.97 -11.17
C CYS A 103 -0.40 -1.26 -12.19
N VAL A 104 -1.50 -1.87 -11.74
CA VAL A 104 -2.70 -2.07 -12.57
C VAL A 104 -3.33 -0.74 -13.02
N ILE A 105 -3.45 0.22 -12.09
CA ILE A 105 -3.98 1.56 -12.39
C ILE A 105 -3.16 2.28 -13.46
N ALA A 106 -1.84 2.21 -13.36
CA ALA A 106 -0.96 2.84 -14.37
C ALA A 106 -1.19 2.25 -15.74
N ILE A 107 -1.23 0.91 -15.81
CA ILE A 107 -1.42 0.18 -17.07
C ILE A 107 -2.81 0.44 -17.67
N ASP A 108 -3.83 0.36 -16.82
CA ASP A 108 -5.23 0.63 -17.18
C ASP A 108 -5.36 2.00 -17.86
N ARG A 109 -4.84 3.03 -17.19
CA ARG A 109 -4.93 4.41 -17.67
C ARG A 109 -4.14 4.64 -18.95
N TYR A 110 -2.97 4.02 -19.07
CA TYR A 110 -2.21 4.05 -20.34
C TYR A 110 -3.05 3.52 -21.51
N LEU A 111 -3.68 2.37 -21.32
CA LEU A 111 -4.54 1.80 -22.36
C LEU A 111 -5.79 2.64 -22.59
N ALA A 112 -6.32 3.23 -21.52
CA ALA A 112 -7.47 4.11 -21.62
C ALA A 112 -7.22 5.37 -22.47
N ILE A 113 -6.09 6.05 -22.25
CA ILE A 113 -5.75 7.25 -23.07
C ILE A 113 -5.30 6.93 -24.51
N THR A 114 -4.54 5.85 -24.68
CA THR A 114 -4.01 5.47 -26.00
C THR A 114 -5.02 4.75 -26.91
N SER A 115 -5.97 4.05 -26.31
CA SER A 115 -7.07 3.42 -27.05
C SER A 115 -8.40 3.63 -26.31
N PRO A 116 -8.88 4.89 -26.25
CA PRO A 116 -10.15 5.15 -25.55
C PRO A 116 -11.36 4.44 -26.17
N PHE A 117 -11.28 4.19 -27.48
CA PHE A 117 -12.37 3.61 -28.24
C PHE A 117 -12.51 2.13 -27.87
N ARG A 118 -11.41 1.39 -27.99
CA ARG A 118 -11.36 -0.01 -27.59
C ARG A 118 -11.63 -0.17 -26.09
N TYR A 119 -10.90 0.58 -25.28
CA TYR A 119 -10.99 0.49 -23.82
C TYR A 119 -12.43 0.53 -23.33
N GLN A 120 -13.20 1.49 -23.84
CA GLN A 120 -14.54 1.75 -23.35
C GLN A 120 -15.55 0.70 -23.82
N SER A 121 -15.35 0.12 -24.99
CA SER A 121 -16.19 -0.99 -25.47
C SER A 121 -15.87 -2.32 -24.77
N LEU A 122 -14.61 -2.49 -24.34
CA LEU A 122 -14.12 -3.77 -23.79
C LEU A 122 -14.12 -3.87 -22.25
N MET A 123 -13.71 -2.80 -21.55
CA MET A 123 -13.67 -2.82 -20.07
C MET A 123 -15.04 -2.54 -19.46
N THR A 124 -15.38 -3.31 -18.44
CA THR A 124 -16.62 -3.15 -17.68
C THR A 124 -16.35 -3.18 -16.18
N ARG A 125 -17.34 -2.74 -15.42
CA ARG A 125 -17.30 -2.69 -13.96
C ARG A 125 -17.01 -4.07 -13.34
N ALA A 126 -17.57 -5.12 -13.94
CA ALA A 126 -17.34 -6.50 -13.51
C ALA A 126 -15.93 -6.99 -13.81
N ARG A 127 -15.40 -6.63 -14.99
CA ARG A 127 -14.04 -7.02 -15.36
C ARG A 127 -12.96 -6.36 -14.48
N ALA A 128 -13.24 -5.15 -14.00
CA ALA A 128 -12.37 -4.49 -13.01
C ALA A 128 -12.31 -5.28 -11.71
N LYS A 129 -13.47 -5.68 -11.19
CA LYS A 129 -13.54 -6.51 -9.95
C LYS A 129 -12.75 -7.82 -10.06
N VAL A 130 -12.82 -8.45 -11.23
CA VAL A 130 -12.08 -9.69 -11.51
C VAL A 130 -10.57 -9.46 -11.43
N ILE A 131 -10.10 -8.36 -12.03
CA ILE A 131 -8.68 -8.00 -11.97
C ILE A 131 -8.25 -7.74 -10.52
N ILE A 132 -9.08 -7.04 -9.77
CA ILE A 132 -8.82 -6.75 -8.35
C ILE A 132 -8.72 -8.06 -7.55
N CYS A 133 -9.63 -8.99 -7.81
CA CYS A 133 -9.63 -10.31 -7.17
CA CYS A 133 -9.61 -10.30 -7.14
C CYS A 133 -8.35 -11.08 -7.48
N THR A 134 -7.93 -11.06 -8.74
CA THR A 134 -6.70 -11.74 -9.17
C THR A 134 -5.46 -11.14 -8.46
N VAL A 135 -5.39 -9.81 -8.39
CA VAL A 135 -4.35 -9.13 -7.61
C VAL A 135 -4.31 -9.63 -6.15
N TRP A 136 -5.43 -9.53 -5.44
CA TRP A 136 -5.48 -9.98 -4.03
C TRP A 136 -5.27 -11.50 -3.86
N ALA A 137 -5.72 -12.30 -4.82
CA ALA A 137 -5.51 -13.76 -4.80
C ALA A 137 -4.04 -14.11 -5.01
N ILE A 138 -3.38 -13.52 -6.01
CA ILE A 138 -1.93 -13.75 -6.22
C ILE A 138 -1.13 -13.16 -5.04
N SER A 139 -1.45 -11.93 -4.64
CA SER A 139 -0.81 -11.28 -3.49
C SER A 139 -0.85 -12.18 -2.26
N ALA A 140 -2.01 -12.76 -1.97
CA ALA A 140 -2.18 -13.69 -0.86
C ALA A 140 -1.34 -14.96 -1.02
N LEU A 141 -1.28 -15.52 -2.24
CA LEU A 141 -0.39 -16.65 -2.56
C LEU A 141 1.05 -16.32 -2.18
N VAL A 142 1.62 -15.31 -2.84
CA VAL A 142 3.03 -14.92 -2.62
C VAL A 142 3.31 -14.42 -1.21
N SER A 143 2.30 -13.90 -0.50
CA SER A 143 2.46 -13.41 0.86
C SER A 143 2.36 -14.52 1.89
N PHE A 144 1.25 -15.27 1.86
CA PHE A 144 0.97 -16.26 2.92
C PHE A 144 1.78 -17.55 2.78
N LEU A 145 1.95 -18.06 1.57
CA LEU A 145 2.63 -19.34 1.37
C LEU A 145 4.03 -19.35 2.00
N PRO A 146 4.92 -18.40 1.61
CA PRO A 146 6.28 -18.43 2.17
C PRO A 146 6.35 -18.28 3.70
N ILE A 147 5.41 -17.53 4.27
CA ILE A 147 5.35 -17.32 5.73
C ILE A 147 4.89 -18.59 6.43
N MET A 148 3.83 -19.22 5.91
CA MET A 148 3.36 -20.55 6.37
C MET A 148 4.46 -21.61 6.34
N MET A 149 5.17 -21.68 5.21
CA MET A 149 6.22 -22.70 5.00
C MET A 149 7.56 -22.44 5.70
N HIS A 150 7.71 -21.30 6.38
CA HIS A 150 8.97 -20.92 7.05
C HIS A 150 10.18 -20.75 6.10
N TRP A 151 9.91 -20.41 4.84
CA TRP A 151 10.96 -20.14 3.85
C TRP A 151 11.81 -18.90 4.20
N TRP A 152 11.23 -18.02 5.02
CA TRP A 152 11.85 -16.79 5.47
C TRP A 152 12.90 -16.93 6.58
N ARG A 153 12.88 -18.03 7.32
CA ARG A 153 13.69 -18.13 8.54
C ARG A 153 15.20 -18.12 8.28
N ASP A 154 15.93 -17.49 9.20
CA ASP A 154 17.37 -17.39 9.20
C ASP A 154 17.89 -18.40 10.22
N GLU A 155 19.17 -18.76 10.11
CA GLU A 155 19.77 -19.84 10.93
C GLU A 155 20.63 -19.29 12.10
N ASP A 156 20.77 -17.98 12.18
CA ASP A 156 21.60 -17.34 13.22
C ASP A 156 21.01 -17.59 14.61
N PRO A 157 21.86 -17.75 15.65
CA PRO A 157 21.36 -17.92 17.03
C PRO A 157 20.40 -16.84 17.52
N GLN A 158 20.69 -15.59 17.20
CA GLN A 158 19.77 -14.46 17.47
C GLN A 158 18.40 -14.76 16.87
N ALA A 159 18.39 -15.09 15.58
CA ALA A 159 17.17 -15.40 14.86
C ALA A 159 16.43 -16.58 15.47
N LEU A 160 17.18 -17.65 15.77
CA LEU A 160 16.61 -18.86 16.33
C LEU A 160 15.99 -18.62 17.72
N LYS A 161 16.65 -17.80 18.52
CA LYS A 161 16.13 -17.40 19.85
C LYS A 161 14.82 -16.63 19.72
N CYS A 162 14.73 -15.74 18.73
CA CYS A 162 13.50 -15.01 18.43
C CYS A 162 12.37 -15.96 18.02
N TYR A 163 12.71 -17.02 17.27
CA TYR A 163 11.72 -18.01 16.82
C TYR A 163 11.25 -18.92 17.95
N GLN A 164 12.15 -19.24 18.88
CA GLN A 164 11.79 -19.99 20.10
C GLN A 164 10.94 -19.18 21.09
N ASP A 165 11.08 -17.86 21.04
CA ASP A 165 10.40 -16.95 21.95
C ASP A 165 9.07 -16.47 21.34
N PRO A 166 7.93 -16.90 21.90
CA PRO A 166 6.65 -16.26 21.49
C PRO A 166 6.57 -14.74 21.75
N GLY A 167 7.43 -14.23 22.65
CA GLY A 167 7.53 -12.79 22.91
C GLY A 167 8.30 -11.96 21.90
N CYS A 168 9.01 -12.61 20.98
CA CYS A 168 9.73 -11.91 19.91
C CYS A 168 8.99 -12.07 18.58
N CYS A 169 8.60 -10.95 17.98
CA CYS A 169 8.00 -10.93 16.63
C CYS A 169 8.78 -9.98 15.71
N ASP A 170 10.10 -10.07 15.74
CA ASP A 170 10.94 -9.40 14.73
C ASP A 170 10.99 -10.27 13.50
N PHE A 171 10.69 -9.68 12.36
CA PHE A 171 10.70 -10.38 11.08
C PHE A 171 12.15 -10.49 10.60
N VAL A 172 12.92 -11.34 11.30
CA VAL A 172 14.31 -11.62 10.98
C VAL A 172 14.30 -12.66 9.87
N THR A 173 14.88 -12.32 8.73
CA THR A 173 14.77 -13.15 7.54
C THR A 173 16.14 -13.47 6.98
N ASN A 174 16.23 -14.58 6.28
CA ASN A 174 17.40 -14.88 5.45
C ASN A 174 17.39 -13.98 4.20
N ARG A 175 18.58 -13.70 3.69
CA ARG A 175 18.81 -12.89 2.50
C ARG A 175 18.10 -13.36 1.24
N ALA A 176 18.02 -14.67 1.03
CA ALA A 176 17.33 -15.22 -0.15
C ALA A 176 15.86 -14.80 -0.20
N TYR A 177 15.17 -15.01 0.92
CA TYR A 177 13.78 -14.60 1.05
C TYR A 177 13.61 -13.08 0.94
N ALA A 178 14.44 -12.33 1.65
CA ALA A 178 14.35 -10.87 1.65
C ALA A 178 14.49 -10.25 0.27
N ILE A 179 15.50 -10.68 -0.48
CA ILE A 179 15.74 -10.15 -1.81
C ILE A 179 14.63 -10.58 -2.75
N ALA A 180 14.31 -11.87 -2.75
CA ALA A 180 13.30 -12.43 -3.66
C ALA A 180 11.90 -11.90 -3.41
N SER A 181 11.48 -11.86 -2.14
CA SER A 181 10.14 -11.34 -1.79
C SER A 181 10.01 -9.85 -2.14
N SER A 182 11.03 -9.06 -1.79
CA SER A 182 11.09 -7.63 -2.13
C SER A 182 11.02 -7.33 -3.62
N ILE A 183 11.65 -8.18 -4.44
CA ILE A 183 11.61 -8.03 -5.89
C ILE A 183 10.21 -8.29 -6.43
N ILE A 184 9.64 -9.44 -6.10
CA ILE A 184 8.33 -9.87 -6.58
C ILE A 184 7.20 -8.97 -6.06
N SER A 185 7.28 -8.58 -4.79
CA SER A 185 6.17 -7.86 -4.14
C SER A 185 6.30 -6.35 -4.16
N PHE A 186 7.46 -5.79 -4.50
CA PHE A 186 7.66 -4.34 -4.45
C PHE A 186 8.45 -3.76 -5.62
N TYR A 187 9.72 -4.14 -5.78
CA TYR A 187 10.60 -3.49 -6.78
C TYR A 187 10.11 -3.62 -8.22
N ILE A 188 9.67 -4.81 -8.62
CA ILE A 188 9.13 -5.01 -9.96
C ILE A 188 7.85 -4.22 -10.22
N PRO A 189 6.83 -4.38 -9.35
CA PRO A 189 5.65 -3.56 -9.59
C PRO A 189 5.90 -2.04 -9.46
N LEU A 190 6.78 -1.63 -8.54
CA LEU A 190 7.14 -0.20 -8.41
C LEU A 190 7.78 0.36 -9.68
N LEU A 191 8.72 -0.38 -10.27
CA LEU A 191 9.40 0.05 -11.50
C LEU A 191 8.48 0.09 -12.71
N ILE A 192 7.61 -0.91 -12.83
CA ILE A 192 6.59 -0.93 -13.89
C ILE A 192 5.64 0.27 -13.72
N MET A 193 5.18 0.49 -12.49
CA MET A 193 4.28 1.63 -12.18
C MET A 193 4.88 2.97 -12.58
N ILE A 194 6.14 3.20 -12.19
CA ILE A 194 6.86 4.45 -12.51
C ILE A 194 7.04 4.62 -14.02
N PHE A 195 7.58 3.59 -14.66
CA PHE A 195 7.82 3.61 -16.10
C PHE A 195 6.55 3.95 -16.89
N VAL A 196 5.48 3.21 -16.61
CA VAL A 196 4.20 3.36 -17.29
C VAL A 196 3.54 4.69 -16.96
N ALA A 197 3.55 5.08 -15.68
CA ALA A 197 2.99 6.39 -15.26
C ALA A 197 3.65 7.58 -15.98
N LEU A 198 4.96 7.52 -16.16
CA LEU A 198 5.70 8.58 -16.88
C LEU A 198 5.27 8.68 -18.32
N ARG A 199 5.01 7.54 -18.96
CA ARG A 199 4.50 7.52 -20.33
C ARG A 199 3.07 8.08 -20.40
N VAL A 200 2.23 7.74 -19.42
CA VAL A 200 0.87 8.32 -19.29
C VAL A 200 0.94 9.84 -19.16
N TYR A 201 1.83 10.30 -18.29
CA TYR A 201 2.10 11.74 -18.10
C TYR A 201 2.48 12.37 -19.43
N ARG A 202 3.42 11.75 -20.12
CA ARG A 202 3.88 12.21 -21.43
C ARG A 202 2.74 12.28 -22.46
N GLU A 203 1.92 11.24 -22.52
CA GLU A 203 0.83 11.14 -23.49
C GLU A 203 -0.33 12.08 -23.18
N ALA A 204 -0.69 12.22 -21.91
CA ALA A 204 -1.66 13.22 -21.48
C ALA A 204 -1.18 14.61 -21.88
N LYS A 205 0.05 14.92 -21.51
CA LYS A 205 0.70 16.19 -21.85
C LYS A 205 0.66 16.49 -23.34
N GLU A 206 0.80 15.48 -24.20
CA GLU A 206 0.69 15.67 -25.66
C GLU A 206 -0.74 15.87 -26.18
N GLN A 207 -1.71 15.22 -25.56
CA GLN A 207 -3.12 15.33 -25.99
C GLN A 207 -3.75 16.72 -25.76
N ILE A 208 -3.39 17.39 -24.67
CA ILE A 208 -3.79 18.81 -24.47
C ILE A 208 -3.13 19.75 -25.48
N ARG A 209 -1.88 19.48 -25.87
CA ARG A 209 -1.14 20.35 -26.78
C ARG A 209 -1.71 20.29 -28.20
N LYS A 210 -2.07 19.08 -28.64
CA LYS A 210 -2.67 18.82 -29.97
C LYS A 210 -1.97 19.54 -31.11
N ARG A 217 -7.20 13.65 -30.20
CA ARG A 217 -8.54 13.50 -29.65
C ARG A 217 -9.50 14.52 -30.25
N LYS A 218 -10.72 14.08 -30.57
CA LYS A 218 -11.79 14.97 -31.02
C LYS A 218 -12.29 15.81 -29.85
N THR A 219 -12.31 15.20 -28.66
CA THR A 219 -12.65 15.86 -27.39
C THR A 219 -12.15 17.30 -27.25
N SER A 220 -13.01 18.15 -26.69
CA SER A 220 -12.65 19.51 -26.30
C SER A 220 -11.43 19.56 -25.36
N ARG A 221 -10.66 20.64 -25.45
CA ARG A 221 -9.47 20.82 -24.61
C ARG A 221 -9.80 21.02 -23.12
N VAL A 222 -10.98 21.58 -22.81
CA VAL A 222 -11.43 21.72 -21.41
C VAL A 222 -11.88 20.38 -20.81
N MET A 223 -12.50 19.53 -21.63
CA MET A 223 -12.81 18.15 -21.24
C MET A 223 -11.55 17.34 -20.94
N LEU A 224 -10.51 17.54 -21.75
CA LEU A 224 -9.23 16.86 -21.55
C LEU A 224 -8.52 17.32 -20.28
N MET A 225 -8.68 18.59 -19.91
CA MET A 225 -8.13 19.11 -18.66
C MET A 225 -8.82 18.50 -17.44
N ARG A 226 -10.13 18.28 -17.53
CA ARG A 226 -10.87 17.55 -16.50
C ARG A 226 -10.44 16.08 -16.38
N GLU A 227 -10.18 15.43 -17.51
CA GLU A 227 -9.57 14.10 -17.53
C GLU A 227 -8.20 14.11 -16.82
N HIS A 228 -7.40 15.14 -17.09
CA HIS A 228 -6.04 15.23 -16.54
C HIS A 228 -5.94 15.62 -15.07
N LYS A 229 -6.98 16.26 -14.52
CA LYS A 229 -7.04 16.52 -13.07
C LYS A 229 -7.18 15.20 -12.31
N ALA A 230 -8.03 14.32 -12.83
CA ALA A 230 -8.20 12.97 -12.27
C ALA A 230 -6.91 12.14 -12.39
N LEU A 231 -6.24 12.22 -13.55
CA LEU A 231 -4.95 11.54 -13.73
C LEU A 231 -3.88 12.04 -12.76
N LYS A 232 -3.89 13.35 -12.50
CA LYS A 232 -3.00 13.95 -11.52
C LYS A 232 -3.17 13.41 -10.10
N THR A 233 -4.42 13.23 -9.65
CA THR A 233 -4.70 12.60 -8.36
C THR A 233 -3.95 11.24 -8.24
N LEU A 234 -4.03 10.43 -9.29
CA LEU A 234 -3.44 9.10 -9.30
C LEU A 234 -1.92 9.14 -9.22
N GLY A 235 -1.31 10.00 -10.02
CA GLY A 235 0.14 10.22 -9.96
C GLY A 235 0.64 10.71 -8.62
N ILE A 236 -0.16 11.53 -7.92
CA ILE A 236 0.18 11.98 -6.56
C ILE A 236 0.18 10.79 -5.61
N ILE A 237 -0.89 10.01 -5.64
CA ILE A 237 -0.97 8.76 -4.86
C ILE A 237 0.24 7.87 -5.17
N MET A 238 0.57 7.77 -6.44
CA MET A 238 1.73 6.96 -6.87
C MET A 238 3.03 7.50 -6.31
N GLY A 239 3.24 8.81 -6.46
CA GLY A 239 4.46 9.46 -5.96
C GLY A 239 4.64 9.35 -4.47
N VAL A 240 3.55 9.57 -3.72
CA VAL A 240 3.60 9.52 -2.26
C VAL A 240 3.85 8.09 -1.76
N PHE A 241 3.25 7.09 -2.43
CA PHE A 241 3.48 5.68 -2.09
C PHE A 241 4.94 5.33 -2.18
N THR A 242 5.60 5.82 -3.23
CA THR A 242 7.04 5.63 -3.46
C THR A 242 7.89 6.26 -2.35
N LEU A 243 7.61 7.53 -2.03
CA LEU A 243 8.28 8.21 -0.92
C LEU A 243 8.10 7.48 0.41
N CYS A 244 6.90 6.94 0.64
CA CYS A 244 6.59 6.30 1.91
C CYS A 244 7.25 4.93 2.06
N TRP A 245 7.31 4.14 0.99
CA TRP A 245 7.77 2.74 1.08
C TRP A 245 9.19 2.45 0.59
N LEU A 246 9.69 3.20 -0.40
CA LEU A 246 11.02 2.93 -0.98
C LEU A 246 12.16 3.02 0.05
N PRO A 247 12.11 3.97 0.99
CA PRO A 247 13.13 3.96 2.04
C PRO A 247 13.18 2.67 2.85
N PHE A 248 12.02 2.18 3.31
CA PHE A 248 11.94 0.93 4.08
C PHE A 248 12.54 -0.24 3.31
N PHE A 249 12.15 -0.39 2.05
CA PHE A 249 12.61 -1.51 1.22
C PHE A 249 14.10 -1.45 0.87
N LEU A 250 14.67 -0.26 0.69
CA LEU A 250 16.12 -0.12 0.52
C LEU A 250 16.85 -0.49 1.81
N VAL A 251 16.35 0.03 2.92
CA VAL A 251 16.92 -0.25 4.24
C VAL A 251 16.77 -1.71 4.66
N ASN A 252 15.65 -2.33 4.28
CA ASN A 252 15.43 -3.77 4.51
C ASN A 252 16.52 -4.65 3.86
N ILE A 253 16.98 -4.26 2.66
CA ILE A 253 18.07 -4.97 1.97
C ILE A 253 19.40 -4.75 2.67
N VAL A 254 19.73 -3.49 2.97
CA VAL A 254 20.94 -3.15 3.72
C VAL A 254 20.99 -3.94 5.04
N ASN A 255 19.86 -4.04 5.72
CA ASN A 255 19.79 -4.68 7.03
C ASN A 255 19.97 -6.21 7.02
N VAL A 256 19.54 -6.90 5.96
CA VAL A 256 19.81 -8.35 5.84
C VAL A 256 21.28 -8.67 5.55
N PHE A 257 22.00 -7.75 4.91
CA PHE A 257 23.44 -7.94 4.65
C PHE A 257 24.29 -7.61 5.86
N ASN A 258 23.88 -6.58 6.60
CA ASN A 258 24.58 -6.17 7.82
C ASN A 258 23.60 -5.52 8.78
N ARG A 259 23.36 -6.17 9.91
CA ARG A 259 22.37 -5.69 10.88
C ARG A 259 22.81 -4.41 11.61
N ASP A 260 24.12 -4.20 11.70
CA ASP A 260 24.69 -2.99 12.32
C ASP A 260 24.54 -1.72 11.49
N LEU A 261 24.33 -1.85 10.18
CA LEU A 261 24.13 -0.68 9.31
C LEU A 261 22.78 0.01 9.50
N VAL A 262 21.80 -0.69 10.07
CA VAL A 262 20.48 -0.12 10.33
C VAL A 262 20.05 -0.51 11.76
N PRO A 263 20.10 0.44 12.71
CA PRO A 263 19.57 0.16 14.04
C PRO A 263 18.09 -0.18 13.99
N ASP A 264 17.65 -1.05 14.89
CA ASP A 264 16.28 -1.57 14.88
C ASP A 264 15.25 -0.46 15.01
N TRP A 265 15.49 0.52 15.89
CA TRP A 265 14.55 1.63 16.07
C TRP A 265 14.38 2.48 14.78
N LEU A 266 15.48 2.60 14.03
CA LEU A 266 15.47 3.30 12.76
C LEU A 266 14.72 2.52 11.68
N PHE A 267 14.98 1.21 11.64
CA PHE A 267 14.19 0.26 10.86
C PHE A 267 12.69 0.43 11.12
N VAL A 268 12.31 0.50 12.39
CA VAL A 268 10.91 0.69 12.79
C VAL A 268 10.39 2.05 12.28
N ALA A 269 11.17 3.12 12.43
CA ALA A 269 10.79 4.45 11.96
C ALA A 269 10.47 4.43 10.48
N PHE A 270 11.36 3.84 9.68
CA PHE A 270 11.12 3.64 8.24
C PHE A 270 9.86 2.82 7.99
N ASN A 271 9.63 1.77 8.78
CA ASN A 271 8.38 1.02 8.67
C ASN A 271 7.15 1.89 8.94
N TRP A 272 7.21 2.77 9.94
CA TRP A 272 6.06 3.63 10.28
C TRP A 272 5.78 4.72 9.25
N LEU A 273 6.81 5.17 8.55
CA LEU A 273 6.64 5.99 7.35
C LEU A 273 5.83 5.24 6.29
N GLY A 274 6.05 3.93 6.17
CA GLY A 274 5.26 3.08 5.29
C GLY A 274 3.80 2.98 5.68
N TYR A 275 3.55 2.64 6.94
CA TYR A 275 2.18 2.59 7.48
C TYR A 275 1.45 3.93 7.34
N ALA A 276 2.18 5.03 7.55
CA ALA A 276 1.66 6.40 7.36
C ALA A 276 1.04 6.67 5.98
N ASN A 277 1.53 6.00 4.94
CA ASN A 277 0.90 6.05 3.62
C ASN A 277 -0.60 5.72 3.66
N SER A 278 -1.01 4.80 4.52
CA SER A 278 -2.43 4.46 4.68
C SER A 278 -3.29 5.64 5.17
N ALA A 279 -2.69 6.57 5.91
CA ALA A 279 -3.35 7.82 6.32
C ALA A 279 -3.39 8.92 5.24
N MET A 280 -2.42 8.89 4.31
CA MET A 280 -2.25 9.96 3.32
C MET A 280 -3.29 9.97 2.20
N ASN A 281 -3.67 8.79 1.70
CA ASN A 281 -4.52 8.70 0.51
C ASN A 281 -5.90 9.35 0.61
N PRO A 282 -6.62 9.16 1.72
CA PRO A 282 -7.90 9.86 1.91
C PRO A 282 -7.72 11.38 1.92
N ILE A 283 -6.64 11.85 2.54
CA ILE A 283 -6.35 13.28 2.61
C ILE A 283 -6.04 13.82 1.21
N ILE A 284 -5.28 13.07 0.42
CA ILE A 284 -4.99 13.43 -0.97
C ILE A 284 -6.25 13.41 -1.82
N LEU A 285 -7.07 12.37 -1.65
CA LEU A 285 -8.34 12.27 -2.38
C LEU A 285 -9.32 13.39 -2.00
N CYS A 286 -9.23 13.88 -0.76
CA CYS A 286 -10.01 15.05 -0.31
C CYS A 286 -9.81 16.31 -1.16
N ARG A 287 -8.62 16.51 -1.71
CA ARG A 287 -8.32 17.70 -2.54
C ARG A 287 -8.69 17.55 -4.02
N SER A 288 -9.03 16.34 -4.46
CA SER A 288 -9.67 16.16 -5.77
C SER A 288 -11.06 16.79 -5.71
N PRO A 289 -11.51 17.46 -6.79
CA PRO A 289 -12.76 18.25 -6.75
C PRO A 289 -14.04 17.43 -6.45
N ASP A 290 -14.25 16.35 -7.21
CA ASP A 290 -15.41 15.46 -7.06
C ASP A 290 -15.48 14.77 -5.69
N PHE A 291 -14.34 14.28 -5.20
CA PHE A 291 -14.26 13.67 -3.87
C PHE A 291 -14.52 14.66 -2.73
N ARG A 292 -14.12 15.92 -2.92
CA ARG A 292 -14.31 16.96 -1.90
C ARG A 292 -15.80 17.24 -1.67
N LYS A 293 -16.53 17.42 -2.77
CA LYS A 293 -18.00 17.59 -2.72
C LYS A 293 -18.66 16.44 -1.97
N ALA A 294 -18.26 15.21 -2.30
CA ALA A 294 -18.81 13.99 -1.71
C ALA A 294 -18.57 13.91 -0.20
N PHE A 295 -17.37 14.28 0.26
CA PHE A 295 -17.08 14.35 1.70
C PHE A 295 -17.87 15.46 2.39
N LYS A 296 -18.08 16.58 1.69
CA LYS A 296 -18.98 17.64 2.16
C LYS A 296 -20.44 17.18 2.04
#